data_5M4D
#
_entry.id   5M4D
#
_cell.length_a   86.100
_cell.length_b   77.490
_cell.length_c   58.520
_cell.angle_alpha   90.00
_cell.angle_beta   113.66
_cell.angle_gamma   90.00
#
_symmetry.space_group_name_H-M   'C 1 2 1'
#
loop_
_entity.id
_entity.type
_entity.pdbx_description
1 polymer 'Aminotransferase class-III'
2 non-polymer '[6-methyl-5-oxidanyl-4-[(~{E})-[(3~{R})-2-oxidanylideneazepan-3-yl]iminomethyl]pyridin-3-yl]methyl dihydrogen phosphate'
3 non-polymer 1,2-ETHANEDIOL
4 water water
#
_entity_poly.entity_id   1
_entity_poly.type   'polypeptide(L)'
_entity_poly.pdbx_seq_one_letter_code
;GPAMAGNLYGRDGAAIGSLQKLRFFPLAVAGGQGARLVEEDGRELIDLSGAWGAASLGYGHPAIIEAVSRAAANPAGASI
LSASNAPAVALAERLTASFPGRGTHKVWFGHSGSDANEAAYRAITRATGRTGVIAFIGAYHGCTVGSMAFSGHSVQADAA
KADGLILLPYPDPYRPYQDDPTGDAVLALLKERLAAVPAGSIAAAFIEPIQSDGGLIVPPDGFLRKFADICRAHGISVVC
DEVAVGLARSGRLHCFEHEGFVPDILVLGKGLGGGLPLSAVIAPAEILDCASAFAMQTLHGNPVCAAAGLAVLETIEAEN
LTTAAERKGKLLREGLARLAERHELIGDIRGRGLACGVELVRNRQSREPARAETAKLIYRAYELGLVLYYVGMNGNVLEM
TPPLTMTEDEVRHAVNLLDQAFTELSTVSDTLVSQFAGW
;
_entity_poly.pdbx_strand_id   A
#
# COMPACT_ATOMS: atom_id res chain seq x y z
N GLY A 1 -22.98 23.78 -15.26
CA GLY A 1 -24.28 23.24 -14.90
C GLY A 1 -24.56 21.90 -15.53
N PRO A 2 -25.53 21.82 -16.50
CA PRO A 2 -26.09 20.52 -16.89
C PRO A 2 -25.15 19.63 -17.69
N ALA A 3 -24.34 20.20 -18.58
CA ALA A 3 -23.34 19.40 -19.33
C ALA A 3 -22.31 18.75 -18.41
N MET A 4 -21.77 19.54 -17.49
CA MET A 4 -20.85 19.07 -16.46
C MET A 4 -21.49 18.06 -15.52
N ALA A 5 -22.76 18.26 -15.15
CA ALA A 5 -23.45 17.34 -14.25
C ALA A 5 -23.75 16.04 -14.99
N GLY A 6 -23.96 16.14 -16.31
CA GLY A 6 -24.24 14.99 -17.16
C GLY A 6 -23.02 14.17 -17.54
N ASN A 7 -21.81 14.66 -17.33
CA ASN A 7 -20.61 13.89 -17.74
C ASN A 7 -20.35 12.77 -16.72
N LEU A 8 -19.34 11.93 -16.96
CA LEU A 8 -19.08 10.79 -16.10
C LEU A 8 -18.77 11.18 -14.67
N TYR A 9 -18.06 12.30 -14.48
CA TYR A 9 -17.71 12.76 -13.14
C TYR A 9 -18.98 13.27 -12.40
N GLY A 10 -19.77 14.11 -13.09
CA GLY A 10 -20.98 14.65 -12.50
C GLY A 10 -22.02 13.58 -12.19
N ARG A 11 -22.08 12.56 -13.05
CA ARG A 11 -22.90 11.37 -12.79
C ARG A 11 -22.38 10.63 -11.58
N ASP A 12 -21.06 10.51 -11.45
CA ASP A 12 -20.51 9.92 -10.25
C ASP A 12 -21.04 10.62 -8.98
N GLY A 13 -21.01 11.95 -8.97
CA GLY A 13 -21.58 12.75 -7.88
C GLY A 13 -23.04 12.41 -7.54
N ALA A 14 -23.86 12.19 -8.58
CA ALA A 14 -25.29 12.01 -8.42
C ALA A 14 -25.66 10.59 -7.97
N ALA A 15 -24.89 9.60 -8.42
CA ALA A 15 -25.18 8.21 -8.17
C ALA A 15 -24.45 7.61 -7.00
N ILE A 16 -23.22 8.03 -6.72
CA ILE A 16 -22.38 7.35 -5.74
C ILE A 16 -22.13 8.24 -4.54
N GLY A 17 -22.36 7.71 -3.34
CA GLY A 17 -22.29 8.53 -2.11
C GLY A 17 -20.85 8.90 -1.86
N SER A 18 -20.61 9.98 -1.14
CA SER A 18 -19.22 10.37 -0.93
C SER A 18 -18.49 9.50 0.11
N LEU A 19 -19.19 8.58 0.78
CA LEU A 19 -18.63 7.85 1.90
C LEU A 19 -17.27 7.19 1.64
N GLN A 20 -17.11 6.64 0.42
CA GLN A 20 -15.90 5.89 0.06
C GLN A 20 -14.95 6.66 -0.84
N LYS A 21 -15.29 7.90 -1.11
CA LYS A 21 -14.51 8.73 -2.06
C LYS A 21 -13.29 9.44 -1.45
N LEU A 22 -12.21 9.43 -2.23
CA LEU A 22 -10.95 10.05 -1.88
C LEU A 22 -10.47 10.77 -3.15
N ARG A 23 -11.01 11.96 -3.33
CA ARG A 23 -10.93 12.69 -4.59
C ARG A 23 -10.14 13.93 -4.45
N PHE A 24 -9.26 14.15 -5.43
CA PHE A 24 -8.33 15.29 -5.46
C PHE A 24 -8.48 16.17 -6.72
N PHE A 25 -9.16 15.64 -7.75
CA PHE A 25 -9.35 16.24 -9.07
C PHE A 25 -10.39 15.38 -9.84
N PRO A 26 -11.02 15.91 -10.90
CA PRO A 26 -12.18 15.17 -11.40
C PRO A 26 -11.83 14.06 -12.41
N LEU A 27 -10.97 13.13 -12.02
CA LEU A 27 -10.57 12.04 -12.88
C LEU A 27 -11.78 11.13 -13.16
N ALA A 28 -12.08 10.87 -14.43
CA ALA A 28 -13.27 10.16 -14.80
C ALA A 28 -12.94 9.23 -15.97
N VAL A 29 -12.76 7.94 -15.60
CA VAL A 29 -12.10 6.92 -16.43
C VAL A 29 -13.14 6.02 -17.07
N ALA A 30 -12.94 5.76 -18.36
CA ALA A 30 -13.76 4.82 -19.15
C ALA A 30 -12.98 3.65 -19.78
N GLY A 31 -11.66 3.72 -19.79
CA GLY A 31 -10.82 2.65 -20.25
C GLY A 31 -9.40 2.80 -19.74
N GLY A 32 -8.54 1.87 -20.17
CA GLY A 32 -7.19 1.73 -19.72
C GLY A 32 -6.38 0.77 -20.59
N GLN A 33 -5.14 1.14 -20.89
CA GLN A 33 -4.24 0.32 -21.68
C GLN A 33 -2.84 0.61 -21.16
N GLY A 34 -2.12 -0.45 -20.77
CA GLY A 34 -0.75 -0.32 -20.29
C GLY A 34 -0.71 0.49 -19.02
N ALA A 35 0.10 1.55 -19.00
CA ALA A 35 0.16 2.45 -17.86
C ALA A 35 -0.70 3.67 -18.09
N ARG A 36 -1.53 3.66 -19.14
CA ARG A 36 -2.45 4.73 -19.41
C ARG A 36 -3.91 4.48 -19.00
N LEU A 37 -4.52 5.53 -18.44
CA LEU A 37 -5.92 5.58 -18.21
C LEU A 37 -6.52 6.38 -19.35
N VAL A 38 -7.79 6.15 -19.67
CA VAL A 38 -8.48 6.90 -20.72
C VAL A 38 -9.78 7.48 -20.14
N GLU A 39 -9.89 8.80 -20.09
CA GLU A 39 -11.13 9.44 -19.62
C GLU A 39 -12.29 9.30 -20.56
N GLU A 40 -13.47 9.63 -20.05
CA GLU A 40 -14.72 9.59 -20.84
C GLU A 40 -14.58 10.33 -22.16
N ASP A 41 -13.91 11.48 -22.18
CA ASP A 41 -13.75 12.23 -23.48
C ASP A 41 -12.68 11.68 -24.43
N GLY A 42 -11.92 10.68 -23.97
CA GLY A 42 -10.88 10.04 -24.74
C GLY A 42 -9.52 10.54 -24.34
N ARG A 43 -9.43 11.51 -23.42
CA ARG A 43 -8.11 12.00 -23.03
C ARG A 43 -7.30 10.93 -22.28
N GLU A 44 -6.04 10.74 -22.66
CA GLU A 44 -5.15 9.77 -22.08
C GLU A 44 -4.32 10.35 -20.97
N LEU A 45 -4.07 9.55 -19.95
CA LEU A 45 -3.19 9.99 -18.85
C LEU A 45 -2.28 8.85 -18.48
N ILE A 46 -1.11 9.20 -17.95
CA ILE A 46 -0.17 8.22 -17.41
C ILE A 46 -0.44 8.09 -15.95
N ASP A 47 -0.71 6.85 -15.52
CA ASP A 47 -1.07 6.56 -14.15
C ASP A 47 0.15 6.21 -13.30
N LEU A 48 0.75 7.26 -12.76
CA LEU A 48 1.85 7.12 -11.81
C LEU A 48 1.46 6.47 -10.47
N SER A 49 0.18 6.58 -10.09
CA SER A 49 -0.29 5.93 -8.86
C SER A 49 -0.53 4.40 -9.06
N GLY A 50 -0.63 3.97 -10.32
CA GLY A 50 -1.03 2.62 -10.68
C GLY A 50 -2.18 2.13 -9.84
N ALA A 51 -3.29 2.91 -9.83
CA ALA A 51 -4.47 2.68 -8.95
C ALA A 51 -4.03 2.34 -7.53
N TRP A 52 -3.18 3.21 -6.98
CA TRP A 52 -2.64 3.03 -5.62
C TRP A 52 -1.81 1.74 -5.42
N GLY A 53 -1.19 1.21 -6.48
CA GLY A 53 -0.47 -0.04 -6.42
C GLY A 53 -1.24 -1.28 -6.83
N ALA A 54 -2.53 -1.17 -7.07
CA ALA A 54 -3.36 -2.36 -7.39
C ALA A 54 -3.16 -2.87 -8.80
N ALA A 55 -2.83 -1.95 -9.72
CA ALA A 55 -2.66 -2.19 -11.16
C ALA A 55 -1.19 -2.57 -11.38
N SER A 56 -0.79 -3.61 -10.66
CA SER A 56 0.57 -4.17 -10.67
C SER A 56 1.10 -4.47 -12.09
N LEU A 57 0.22 -4.90 -12.95
CA LEU A 57 0.54 -5.25 -14.34
C LEU A 57 -0.06 -4.27 -15.33
N GLY A 58 -0.47 -3.10 -14.83
CA GLY A 58 -1.09 -2.09 -15.65
C GLY A 58 -2.46 -2.55 -16.04
N TYR A 59 -2.98 -1.97 -17.12
CA TYR A 59 -4.35 -2.17 -17.55
C TYR A 59 -4.35 -2.96 -18.89
N GLY A 60 -5.10 -4.06 -18.91
CA GLY A 60 -5.30 -4.86 -20.13
C GLY A 60 -4.09 -5.72 -20.40
N HIS A 61 -3.36 -6.10 -19.34
CA HIS A 61 -2.23 -6.95 -19.54
C HIS A 61 -2.72 -8.31 -20.05
N PRO A 62 -2.05 -8.84 -21.09
CA PRO A 62 -2.46 -10.12 -21.61
C PRO A 62 -2.60 -11.24 -20.60
N ALA A 63 -1.68 -11.38 -19.66
CA ALA A 63 -1.82 -12.40 -18.63
C ALA A 63 -3.07 -12.29 -17.77
N ILE A 64 -3.45 -11.07 -17.43
CA ILE A 64 -4.68 -10.91 -16.64
C ILE A 64 -5.91 -11.20 -17.52
N ILE A 65 -5.96 -10.62 -18.71
CA ILE A 65 -7.04 -10.96 -19.68
C ILE A 65 -7.26 -12.48 -19.81
N GLU A 66 -6.21 -13.23 -20.19
CA GLU A 66 -6.27 -14.68 -20.36
C GLU A 66 -6.77 -15.42 -19.12
N ALA A 67 -6.22 -15.06 -17.92
CA ALA A 67 -6.49 -15.85 -16.73
C ALA A 67 -7.94 -15.61 -16.29
N VAL A 68 -8.35 -14.36 -16.28
CA VAL A 68 -9.69 -13.99 -15.92
C VAL A 68 -10.76 -14.51 -16.92
N SER A 69 -10.48 -14.51 -18.23
CA SER A 69 -11.41 -15.07 -19.24
C SER A 69 -11.57 -16.59 -19.10
N ARG A 70 -10.45 -17.25 -18.89
CA ARG A 70 -10.40 -18.71 -18.68
C ARG A 70 -11.18 -19.10 -17.42
N ALA A 71 -10.88 -18.42 -16.35
CA ALA A 71 -11.57 -18.66 -15.11
C ALA A 71 -13.07 -18.35 -15.26
N ALA A 72 -13.42 -17.25 -15.93
CA ALA A 72 -14.84 -16.94 -16.17
C ALA A 72 -15.61 -18.03 -16.94
N ALA A 73 -14.95 -18.56 -17.95
CA ALA A 73 -15.58 -19.55 -18.85
C ALA A 73 -15.72 -20.95 -18.19
N ASN A 74 -14.89 -21.23 -17.19
CA ASN A 74 -14.82 -22.52 -16.57
C ASN A 74 -14.42 -22.40 -15.11
N PRO A 75 -15.29 -21.80 -14.29
CA PRO A 75 -14.84 -21.54 -12.93
C PRO A 75 -14.94 -22.73 -12.05
N ALA A 76 -13.96 -22.93 -11.19
CA ALA A 76 -14.06 -23.94 -10.14
C ALA A 76 -14.97 -23.45 -9.02
N GLY A 77 -16.26 -23.34 -9.30
CA GLY A 77 -17.27 -22.85 -8.34
C GLY A 77 -17.07 -21.35 -8.10
N ALA A 78 -17.37 -20.89 -6.88
CA ALA A 78 -17.23 -19.45 -6.61
C ALA A 78 -16.61 -19.11 -5.27
N SER A 79 -15.96 -20.05 -4.59
CA SER A 79 -15.61 -19.84 -3.17
C SER A 79 -14.74 -20.96 -2.71
N ILE A 80 -13.93 -20.65 -1.69
CA ILE A 80 -13.12 -21.60 -0.94
C ILE A 80 -13.75 -22.06 0.40
N LEU A 81 -14.88 -21.47 0.82
CA LEU A 81 -15.43 -21.79 2.13
C LEU A 81 -15.89 -23.26 2.24
N SER A 82 -16.80 -23.68 1.34
CA SER A 82 -17.40 -25.00 1.50
C SER A 82 -17.00 -26.01 0.42
N ALA A 83 -15.96 -25.65 -0.35
CA ALA A 83 -15.32 -26.48 -1.30
C ALA A 83 -13.85 -26.11 -1.34
N SER A 84 -12.96 -27.10 -1.55
CA SER A 84 -11.63 -26.79 -2.05
C SER A 84 -11.86 -26.34 -3.52
N ASN A 85 -10.98 -25.53 -4.07
CA ASN A 85 -11.03 -25.22 -5.52
C ASN A 85 -9.63 -25.09 -6.08
N ALA A 86 -9.48 -25.49 -7.34
CA ALA A 86 -8.11 -25.69 -7.88
C ALA A 86 -7.24 -24.36 -7.91
N PRO A 87 -7.79 -23.27 -8.45
CA PRO A 87 -6.97 -22.04 -8.50
C PRO A 87 -6.58 -21.51 -7.14
N ALA A 88 -7.49 -21.48 -6.15
CA ALA A 88 -7.12 -21.00 -4.79
C ALA A 88 -6.03 -21.85 -4.10
N VAL A 89 -6.14 -23.18 -4.26
CA VAL A 89 -5.14 -24.10 -3.71
C VAL A 89 -3.79 -23.86 -4.39
N ALA A 90 -3.74 -23.82 -5.72
CA ALA A 90 -2.46 -23.55 -6.43
C ALA A 90 -1.87 -22.14 -6.07
N LEU A 91 -2.72 -21.14 -5.89
CA LEU A 91 -2.28 -19.83 -5.43
C LEU A 91 -1.68 -19.87 -4.01
N ALA A 92 -2.40 -20.55 -3.14
CA ALA A 92 -1.94 -20.70 -1.77
C ALA A 92 -0.63 -21.47 -1.73
N GLU A 93 -0.54 -22.50 -2.54
CA GLU A 93 0.73 -23.25 -2.70
C GLU A 93 1.91 -22.39 -3.16
N ARG A 94 1.70 -21.59 -4.18
CA ARG A 94 2.73 -20.72 -4.70
C ARG A 94 3.13 -19.60 -3.69
N LEU A 95 2.16 -19.09 -2.94
CA LEU A 95 2.49 -18.03 -2.00
C LEU A 95 3.33 -18.57 -0.83
N THR A 96 2.95 -19.73 -0.30
CA THR A 96 3.70 -20.30 0.84
C THR A 96 5.08 -20.74 0.37
N ALA A 97 5.17 -21.21 -0.87
CA ALA A 97 6.48 -21.57 -1.47
C ALA A 97 7.42 -20.36 -1.61
N SER A 98 6.83 -19.17 -1.82
CA SER A 98 7.62 -17.92 -1.92
C SER A 98 8.16 -17.43 -0.55
N PHE A 99 7.59 -17.93 0.51
CA PHE A 99 7.86 -17.45 1.83
C PHE A 99 8.82 -18.38 2.52
N PRO A 100 9.71 -17.83 3.36
CA PRO A 100 10.71 -18.62 4.06
C PRO A 100 10.12 -19.58 5.02
N GLY A 101 8.94 -19.30 5.56
CA GLY A 101 8.20 -20.24 6.27
C GLY A 101 7.55 -21.28 5.38
N ARG A 102 7.93 -21.55 4.11
CA ARG A 102 7.30 -22.66 3.43
C ARG A 102 6.95 -23.91 4.26
N GLY A 103 7.81 -24.39 5.17
CA GLY A 103 7.51 -25.63 5.91
C GLY A 103 6.43 -25.60 7.01
N THR A 104 6.13 -24.43 7.56
CA THR A 104 5.30 -24.28 8.76
C THR A 104 4.02 -23.43 8.61
N HIS A 105 3.82 -22.78 7.45
CA HIS A 105 2.77 -21.73 7.30
C HIS A 105 1.65 -22.19 6.33
N LYS A 106 0.48 -21.58 6.46
CA LYS A 106 -0.65 -21.79 5.56
C LYS A 106 -1.15 -20.40 5.13
N VAL A 107 -2.15 -20.37 4.25
CA VAL A 107 -2.76 -19.16 3.73
C VAL A 107 -4.26 -19.04 4.15
N TRP A 108 -4.67 -17.80 4.44
CA TRP A 108 -6.08 -17.40 4.41
C TRP A 108 -6.29 -16.41 3.24
N PHE A 109 -7.40 -16.52 2.53
CA PHE A 109 -7.70 -15.55 1.50
C PHE A 109 -8.78 -14.58 1.89
N GLY A 110 -8.61 -13.31 1.51
CA GLY A 110 -9.59 -12.22 1.71
C GLY A 110 -9.86 -11.41 0.48
N HIS A 111 -10.69 -10.39 0.59
CA HIS A 111 -10.96 -9.49 -0.54
C HIS A 111 -10.08 -8.22 -0.61
N SER A 112 -9.49 -7.81 0.50
CA SER A 112 -8.76 -6.51 0.61
C SER A 112 -7.73 -6.57 1.73
N GLY A 113 -6.83 -5.59 1.75
CA GLY A 113 -5.91 -5.40 2.88
C GLY A 113 -6.59 -5.34 4.25
N SER A 114 -7.69 -4.60 4.33
CA SER A 114 -8.46 -4.46 5.55
C SER A 114 -8.92 -5.83 6.09
N ASP A 115 -9.44 -6.63 5.16
CA ASP A 115 -9.98 -7.95 5.43
C ASP A 115 -8.86 -8.80 6.06
N ALA A 116 -7.74 -8.74 5.39
CA ALA A 116 -6.59 -9.57 5.65
C ALA A 116 -5.92 -9.21 6.97
N ASN A 117 -5.68 -7.91 7.19
CA ASN A 117 -5.18 -7.47 8.54
C ASN A 117 -6.13 -7.82 9.67
N GLU A 118 -7.41 -7.56 9.43
CA GLU A 118 -8.46 -7.94 10.37
C GLU A 118 -8.38 -9.46 10.70
N ALA A 119 -8.24 -10.31 9.67
CA ALA A 119 -8.19 -11.73 9.92
C ALA A 119 -6.99 -12.10 10.77
N ALA A 120 -5.79 -11.59 10.41
CA ALA A 120 -4.59 -11.94 11.11
C ALA A 120 -4.68 -11.62 12.57
N TYR A 121 -5.22 -10.42 12.91
CA TYR A 121 -5.37 -9.98 14.28
C TYR A 121 -6.31 -10.89 15.05
N ARG A 122 -7.48 -11.12 14.44
CA ARG A 122 -8.46 -11.98 15.04
C ARG A 122 -7.87 -13.34 15.24
N ALA A 123 -7.05 -13.81 14.29
CA ALA A 123 -6.50 -15.16 14.43
C ALA A 123 -5.44 -15.24 15.53
N ILE A 124 -4.52 -14.28 15.54
CA ILE A 124 -3.56 -14.24 16.63
C ILE A 124 -4.30 -14.20 17.98
N THR A 125 -5.23 -13.27 18.18
CA THR A 125 -5.92 -13.18 19.50
C THR A 125 -6.69 -14.44 19.86
N ARG A 126 -7.37 -15.00 18.87
CA ARG A 126 -8.03 -16.30 19.05
C ARG A 126 -7.01 -17.37 19.49
N ALA A 127 -5.91 -17.54 18.74
CA ALA A 127 -4.90 -18.60 19.01
C ALA A 127 -4.28 -18.50 20.40
N THR A 128 -4.27 -17.28 20.91
CA THR A 128 -3.36 -16.86 21.94
C THR A 128 -4.21 -16.44 23.16
N GLY A 129 -5.46 -16.01 22.97
CA GLY A 129 -6.27 -15.54 24.07
C GLY A 129 -5.86 -14.21 24.69
N ARG A 130 -5.02 -13.46 24.00
CA ARG A 130 -4.52 -12.14 24.41
C ARG A 130 -5.00 -11.12 23.36
N THR A 131 -5.11 -9.88 23.78
CA THR A 131 -5.77 -8.82 23.03
C THR A 131 -4.77 -7.74 22.56
N GLY A 132 -3.66 -7.62 23.26
CA GLY A 132 -2.74 -6.52 23.12
C GLY A 132 -2.03 -6.53 21.78
N VAL A 133 -1.75 -5.34 21.27
CA VAL A 133 -1.16 -5.16 19.99
C VAL A 133 -0.36 -3.87 19.93
N ILE A 134 0.77 -3.99 19.26
CA ILE A 134 1.64 -2.88 18.94
C ILE A 134 1.45 -2.47 17.46
N ALA A 135 1.28 -1.17 17.25
CA ALA A 135 1.34 -0.67 15.91
C ALA A 135 1.88 0.74 15.93
N PHE A 136 1.91 1.37 14.75
CA PHE A 136 2.57 2.66 14.58
C PHE A 136 1.63 3.79 14.20
N ILE A 137 1.87 4.97 14.77
CA ILE A 137 1.25 6.22 14.32
C ILE A 137 1.52 6.39 12.83
N GLY A 138 0.53 6.79 12.02
CA GLY A 138 0.76 6.85 10.58
C GLY A 138 0.45 5.53 9.85
N ALA A 139 0.42 4.41 10.57
CA ALA A 139 0.21 3.09 9.95
C ALA A 139 -1.23 2.96 9.42
N TYR A 140 -1.35 2.60 8.13
CA TYR A 140 -2.67 2.37 7.56
C TYR A 140 -2.83 0.87 7.37
N HIS A 141 -3.66 0.24 8.18
CA HIS A 141 -3.85 -1.18 8.10
C HIS A 141 -5.23 -1.58 7.61
N GLY A 142 -6.19 -0.67 7.58
CA GLY A 142 -7.49 -0.92 6.92
C GLY A 142 -8.48 0.17 7.20
N CYS A 143 -9.65 0.02 6.62
CA CYS A 143 -10.76 0.96 6.85
C CYS A 143 -12.05 0.22 7.19
N THR A 144 -11.93 -0.82 8.03
CA THR A 144 -13.03 -1.57 8.57
C THR A 144 -12.82 -1.54 10.11
N VAL A 145 -13.89 -1.77 10.85
CA VAL A 145 -13.87 -1.61 12.30
C VAL A 145 -12.70 -2.45 12.84
N GLY A 146 -12.59 -3.72 12.40
CA GLY A 146 -11.53 -4.60 12.86
C GLY A 146 -10.09 -4.27 12.53
N SER A 147 -9.85 -3.58 11.40
CA SER A 147 -8.54 -3.18 10.96
C SER A 147 -8.19 -1.79 11.45
N MET A 148 -9.16 -0.87 11.56
CA MET A 148 -8.88 0.46 12.10
C MET A 148 -8.53 0.46 13.61
N ALA A 149 -9.00 -0.57 14.33
CA ALA A 149 -8.64 -0.87 15.70
C ALA A 149 -7.18 -0.88 16.11
N PHE A 150 -6.28 -1.21 15.18
CA PHE A 150 -4.84 -1.10 15.41
C PHE A 150 -4.13 -0.30 14.33
N SER A 151 -4.85 0.50 13.56
CA SER A 151 -4.25 1.44 12.64
C SER A 151 -3.85 2.71 13.41
N GLY A 152 -2.97 3.50 12.81
CA GLY A 152 -2.47 4.77 13.40
C GLY A 152 -2.55 5.98 12.50
N HIS A 153 -3.20 5.86 11.36
CA HIS A 153 -3.19 6.92 10.36
C HIS A 153 -4.38 7.81 10.62
N SER A 154 -4.35 9.03 10.08
CA SER A 154 -5.46 9.98 10.19
C SER A 154 -6.85 9.46 9.84
N VAL A 155 -7.00 8.81 8.71
CA VAL A 155 -8.27 8.13 8.40
C VAL A 155 -8.92 7.33 9.57
N GLN A 156 -8.14 6.67 10.42
CA GLN A 156 -8.65 5.85 11.54
C GLN A 156 -8.59 6.53 12.91
N ALA A 157 -8.30 7.82 12.92
CA ALA A 157 -8.00 8.54 14.13
C ALA A 157 -9.21 8.63 15.00
N ASP A 158 -10.39 8.61 14.40
CA ASP A 158 -11.61 8.63 15.20
C ASP A 158 -12.16 7.26 15.58
N ALA A 159 -11.54 6.17 15.10
CA ALA A 159 -12.07 4.85 15.20
C ALA A 159 -11.85 4.21 16.59
N ALA A 160 -12.66 3.23 16.95
CA ALA A 160 -12.47 2.57 18.23
C ALA A 160 -11.19 1.77 18.11
N LYS A 161 -10.37 1.81 19.14
CA LYS A 161 -9.11 1.13 19.15
C LYS A 161 -9.12 -0.08 20.05
N ALA A 162 -8.28 -1.05 19.66
CA ALA A 162 -8.10 -2.30 20.31
C ALA A 162 -7.65 -2.10 21.81
N ASP A 163 -8.27 -2.86 22.70
CA ASP A 163 -7.84 -2.92 24.09
C ASP A 163 -6.40 -3.47 24.12
N GLY A 164 -5.51 -2.72 24.77
CA GLY A 164 -4.12 -3.04 24.87
C GLY A 164 -3.30 -2.56 23.69
N LEU A 165 -3.88 -1.72 22.83
CA LEU A 165 -3.15 -1.12 21.72
C LEU A 165 -2.08 -0.16 22.28
N ILE A 166 -0.87 -0.32 21.79
CA ILE A 166 0.24 0.61 21.95
C ILE A 166 0.63 1.16 20.56
N LEU A 167 0.49 2.47 20.40
CA LEU A 167 0.88 3.12 19.17
C LEU A 167 2.20 3.77 19.36
N LEU A 168 3.15 3.46 18.50
CA LEU A 168 4.50 4.08 18.60
C LEU A 168 4.74 5.07 17.48
N PRO A 169 5.66 6.03 17.68
CA PRO A 169 6.09 6.82 16.53
C PRO A 169 6.88 5.94 15.53
N TYR A 170 6.55 6.02 14.24
CA TYR A 170 7.36 5.34 13.22
C TYR A 170 8.59 6.23 12.94
N PRO A 171 9.79 5.67 13.05
CA PRO A 171 11.02 6.47 12.97
C PRO A 171 11.30 7.02 11.55
N ASP A 172 11.21 8.33 11.41
CA ASP A 172 11.34 9.04 10.14
C ASP A 172 12.72 9.72 10.10
N PRO A 173 13.66 9.18 9.33
CA PRO A 173 14.98 9.81 9.18
C PRO A 173 14.89 11.29 8.87
N TYR A 174 13.84 11.72 8.18
CA TYR A 174 13.69 13.11 7.84
C TYR A 174 13.18 13.94 9.00
N ARG A 175 12.46 13.31 9.95
CA ARG A 175 11.94 14.02 11.15
C ARG A 175 12.04 13.07 12.35
N PRO A 176 13.27 12.81 12.81
CA PRO A 176 13.47 11.66 13.71
C PRO A 176 13.00 11.88 15.13
N TYR A 177 12.35 10.87 15.66
CA TYR A 177 11.78 10.98 16.97
C TYR A 177 12.92 11.14 17.96
N GLN A 178 12.75 12.11 18.86
CA GLN A 178 13.77 12.46 19.84
C GLN A 178 15.15 12.78 19.19
N ASP A 179 15.14 13.33 17.97
CA ASP A 179 16.34 13.61 17.20
C ASP A 179 17.31 12.46 17.01
N ASP A 180 16.82 11.21 16.96
CA ASP A 180 17.68 10.02 16.93
C ASP A 180 17.47 9.38 15.56
N PRO A 181 18.41 9.56 14.59
CA PRO A 181 18.21 9.02 13.25
C PRO A 181 18.34 7.50 13.17
N THR A 182 18.81 6.85 14.24
CA THR A 182 18.85 5.40 14.30
C THR A 182 17.48 4.74 14.57
N GLY A 183 16.53 5.48 15.13
CA GLY A 183 15.30 4.89 15.68
C GLY A 183 15.42 4.17 17.05
N ASP A 184 16.61 4.08 17.62
CA ASP A 184 16.76 3.39 18.91
C ASP A 184 15.85 3.98 20.00
N ALA A 185 15.62 5.29 19.93
CA ALA A 185 14.68 5.97 20.84
C ALA A 185 13.28 5.43 20.82
N VAL A 186 12.82 5.02 19.62
CA VAL A 186 11.54 4.35 19.51
C VAL A 186 11.56 2.97 20.15
N LEU A 187 12.62 2.21 19.90
CA LEU A 187 12.81 0.93 20.55
C LEU A 187 12.90 1.06 22.07
N ALA A 188 13.59 2.09 22.55
CA ALA A 188 13.68 2.31 24.00
C ALA A 188 12.30 2.63 24.55
N LEU A 189 11.50 3.42 23.81
CA LEU A 189 10.15 3.73 24.23
C LEU A 189 9.30 2.46 24.32
N LEU A 190 9.33 1.69 23.24
CA LEU A 190 8.64 0.40 23.19
C LEU A 190 8.91 -0.39 24.47
N LYS A 191 10.18 -0.59 24.77
CA LYS A 191 10.60 -1.38 25.98
C LYS A 191 10.05 -0.80 27.25
N GLU A 192 10.10 0.51 27.35
CA GLU A 192 9.53 1.19 28.50
C GLU A 192 8.04 1.01 28.57
N ARG A 193 7.31 1.13 27.44
CA ARG A 193 5.89 0.90 27.43
C ARG A 193 5.59 -0.55 27.83
N LEU A 194 6.37 -1.51 27.33
CA LEU A 194 6.22 -2.96 27.63
C LEU A 194 6.46 -3.32 29.09
N ALA A 195 7.38 -2.60 29.73
CA ALA A 195 7.60 -2.76 31.16
C ALA A 195 6.40 -2.32 32.01
N ALA A 196 5.49 -1.52 31.44
CA ALA A 196 4.32 -1.02 32.17
C ALA A 196 3.07 -1.87 32.01
N VAL A 197 3.14 -2.93 31.20
CA VAL A 197 2.01 -3.85 31.07
C VAL A 197 2.34 -5.25 31.57
N PRO A 198 1.28 -6.06 31.85
CA PRO A 198 1.53 -7.42 32.36
C PRO A 198 2.26 -8.29 31.36
N ALA A 199 3.14 -9.17 31.88
CA ALA A 199 3.95 -10.05 31.05
C ALA A 199 3.05 -10.90 30.13
N GLY A 200 3.33 -10.93 28.83
CA GLY A 200 2.60 -11.79 27.92
C GLY A 200 1.23 -11.28 27.52
N SER A 201 0.90 -10.01 27.83
CA SER A 201 -0.41 -9.48 27.48
C SER A 201 -0.49 -9.06 26.00
N ILE A 202 0.65 -8.83 25.33
CA ILE A 202 0.66 -8.37 23.91
C ILE A 202 0.84 -9.58 23.04
N ALA A 203 -0.08 -9.79 22.11
CA ALA A 203 -0.01 -10.95 21.20
C ALA A 203 0.67 -10.62 19.85
N ALA A 204 0.44 -9.39 19.36
CA ALA A 204 0.73 -9.05 17.98
C ALA A 204 1.44 -7.69 17.87
N ALA A 205 2.29 -7.62 16.86
CA ALA A 205 2.85 -6.38 16.39
C ALA A 205 2.65 -6.24 14.88
N PHE A 206 1.97 -5.17 14.49
CA PHE A 206 1.85 -4.76 13.05
C PHE A 206 2.88 -3.74 12.62
N ILE A 207 3.54 -3.97 11.46
CA ILE A 207 4.48 -2.99 10.91
C ILE A 207 4.41 -2.91 9.38
N GLU A 208 4.51 -1.72 8.81
CA GLU A 208 4.78 -1.61 7.37
C GLU A 208 6.30 -1.49 7.21
N PRO A 209 6.93 -2.34 6.36
CA PRO A 209 8.38 -2.25 6.17
C PRO A 209 8.84 -0.94 5.49
N ILE A 210 7.94 -0.31 4.72
CA ILE A 210 7.96 1.11 4.36
C ILE A 210 6.59 1.65 4.72
N GLN A 211 6.45 2.76 5.47
CA GLN A 211 5.09 3.22 5.79
C GLN A 211 4.64 3.97 4.57
N SER A 212 3.53 3.53 3.98
CA SER A 212 3.11 4.13 2.72
CA SER A 212 3.12 4.14 2.71
C SER A 212 2.23 5.38 2.88
N ASP A 213 1.00 5.21 3.33
CA ASP A 213 0.11 6.39 3.38
C ASP A 213 0.48 7.40 4.49
N GLY A 214 1.27 6.94 5.47
CA GLY A 214 1.83 7.80 6.53
C GLY A 214 3.02 8.62 6.07
N GLY A 215 3.54 8.35 4.86
CA GLY A 215 4.36 9.33 4.12
C GLY A 215 5.57 8.81 3.39
N LEU A 216 5.40 7.66 2.77
CA LEU A 216 6.47 6.83 2.17
C LEU A 216 7.77 6.82 2.96
N ILE A 217 7.72 6.30 4.19
CA ILE A 217 8.88 6.40 5.10
C ILE A 217 9.66 5.11 5.17
N VAL A 218 10.90 5.16 4.73
CA VAL A 218 11.77 4.00 4.84
C VAL A 218 12.44 4.18 6.16
N PRO A 219 12.28 3.18 7.04
CA PRO A 219 12.77 3.31 8.39
C PRO A 219 14.28 3.19 8.48
N PRO A 220 14.88 3.71 9.55
CA PRO A 220 16.38 3.64 9.57
C PRO A 220 16.94 2.20 9.49
N ASP A 221 18.16 2.06 8.98
CA ASP A 221 18.78 0.77 8.82
C ASP A 221 18.82 0.02 10.14
N GLY A 222 18.45 -1.24 10.18
CA GLY A 222 18.55 -2.05 11.38
C GLY A 222 17.35 -1.97 12.31
N PHE A 223 16.54 -0.92 12.18
CA PHE A 223 15.39 -0.65 13.07
C PHE A 223 14.37 -1.82 13.15
N LEU A 224 13.89 -2.28 11.98
CA LEU A 224 12.94 -3.38 11.87
C LEU A 224 13.47 -4.69 12.45
N ARG A 225 14.72 -5.06 12.16
CA ARG A 225 15.37 -6.20 12.76
C ARG A 225 15.35 -6.15 14.30
N LYS A 226 15.83 -5.03 14.84
CA LYS A 226 15.86 -4.81 16.27
C LYS A 226 14.45 -4.78 16.86
N PHE A 227 13.49 -4.18 16.13
CA PHE A 227 12.07 -4.23 16.52
C PHE A 227 11.51 -5.67 16.62
N ALA A 228 11.73 -6.44 15.57
CA ALA A 228 11.38 -7.87 15.56
C ALA A 228 12.05 -8.66 16.72
N ASP A 229 13.29 -8.32 17.03
CA ASP A 229 13.97 -8.99 18.16
C ASP A 229 13.24 -8.81 19.46
N ILE A 230 12.80 -7.58 19.69
CA ILE A 230 12.08 -7.26 20.92
C ILE A 230 10.79 -8.05 21.00
N CYS A 231 9.99 -8.00 19.93
CA CYS A 231 8.80 -8.76 19.84
C CYS A 231 9.04 -10.22 20.13
N ARG A 232 10.02 -10.82 19.47
CA ARG A 232 10.37 -12.20 19.66
C ARG A 232 10.77 -12.48 21.12
N ALA A 233 11.46 -11.53 21.74
CA ALA A 233 11.85 -11.70 23.15
C ALA A 233 10.65 -11.83 24.05
N HIS A 234 9.54 -11.18 23.69
CA HIS A 234 8.28 -11.22 24.45
C HIS A 234 7.23 -12.19 23.89
N GLY A 235 7.65 -13.07 22.97
CA GLY A 235 6.74 -14.02 22.28
C GLY A 235 5.60 -13.37 21.53
N ILE A 236 5.85 -12.22 20.91
CA ILE A 236 4.83 -11.42 20.22
C ILE A 236 4.98 -11.76 18.74
N SER A 237 3.88 -12.04 18.04
CA SER A 237 3.95 -12.28 16.59
C SER A 237 4.15 -11.02 15.80
N VAL A 238 5.15 -11.02 14.93
CA VAL A 238 5.45 -9.93 14.00
C VAL A 238 4.65 -10.11 12.70
N VAL A 239 3.76 -9.18 12.45
CA VAL A 239 2.94 -9.21 11.23
C VAL A 239 3.47 -8.13 10.32
N CYS A 240 3.95 -8.50 9.14
CA CYS A 240 4.47 -7.52 8.18
C CYS A 240 3.40 -7.23 7.12
N ASP A 241 2.98 -5.96 7.01
CA ASP A 241 1.91 -5.56 6.10
C ASP A 241 2.55 -5.11 4.83
N GLU A 242 2.48 -5.95 3.79
CA GLU A 242 3.10 -5.64 2.53
C GLU A 242 2.03 -5.50 1.50
N VAL A 243 0.89 -4.92 1.92
CA VAL A 243 -0.24 -4.66 1.01
C VAL A 243 0.10 -3.58 -0.02
N ALA A 244 0.90 -2.59 0.40
CA ALA A 244 1.32 -1.49 -0.48
C ALA A 244 2.64 -1.78 -1.19
N VAL A 245 3.55 -2.46 -0.48
CA VAL A 245 4.98 -2.45 -0.83
C VAL A 245 5.54 -3.82 -1.13
N GLY A 246 4.67 -4.83 -1.12
CA GLY A 246 5.04 -6.21 -1.39
C GLY A 246 5.05 -6.58 -2.84
N LEU A 247 5.29 -7.88 -3.06
CA LEU A 247 5.31 -8.58 -4.35
C LEU A 247 5.97 -7.80 -5.47
N ALA A 248 7.31 -7.70 -5.32
CA ALA A 248 8.26 -7.14 -6.38
C ALA A 248 8.38 -5.64 -6.42
N ARG A 249 7.42 -4.90 -5.84
CA ARG A 249 7.46 -3.44 -5.92
C ARG A 249 8.73 -2.83 -5.32
N SER A 250 9.29 -3.46 -4.30
CA SER A 250 10.45 -2.91 -3.62
C SER A 250 11.76 -3.24 -4.30
N GLY A 251 11.71 -4.04 -5.38
CA GLY A 251 12.95 -4.50 -6.03
C GLY A 251 13.45 -5.82 -5.43
N ARG A 252 12.85 -6.27 -4.31
CA ARG A 252 12.91 -7.67 -3.93
C ARG A 252 11.47 -8.16 -3.95
N LEU A 253 11.30 -9.46 -4.04
CA LEU A 253 9.96 -10.02 -4.06
C LEU A 253 9.15 -9.53 -2.86
N HIS A 254 9.68 -9.79 -1.68
CA HIS A 254 9.07 -9.40 -0.41
C HIS A 254 9.89 -8.28 0.20
N CYS A 255 9.22 -7.20 0.58
CA CYS A 255 9.98 -6.02 1.06
C CYS A 255 10.88 -6.34 2.27
N PHE A 256 10.44 -7.23 3.16
CA PHE A 256 11.27 -7.57 4.33
C PHE A 256 12.66 -8.13 3.98
N GLU A 257 12.84 -8.52 2.72
CA GLU A 257 14.15 -8.97 2.29
C GLU A 257 15.22 -7.86 2.39
N HIS A 258 14.81 -6.61 2.45
CA HIS A 258 15.75 -5.51 2.57
C HIS A 258 16.16 -5.28 4.04
N GLU A 259 15.52 -5.96 4.98
CA GLU A 259 15.48 -5.49 6.35
C GLU A 259 15.97 -6.47 7.37
N GLY A 260 16.66 -7.53 6.92
CA GLY A 260 17.30 -8.50 7.82
C GLY A 260 16.46 -9.20 8.88
N PHE A 261 15.17 -9.39 8.63
CA PHE A 261 14.29 -10.20 9.50
C PHE A 261 13.28 -10.96 8.64
N VAL A 262 12.74 -12.04 9.19
CA VAL A 262 11.57 -12.68 8.56
C VAL A 262 10.38 -12.56 9.52
N PRO A 263 9.24 -12.06 9.03
CA PRO A 263 8.09 -11.92 9.89
C PRO A 263 7.45 -13.23 10.20
N ASP A 264 6.67 -13.25 11.25
CA ASP A 264 5.89 -14.42 11.53
C ASP A 264 4.72 -14.50 10.54
N ILE A 265 4.10 -13.35 10.27
CA ILE A 265 2.94 -13.30 9.38
C ILE A 265 3.18 -12.27 8.30
N LEU A 266 2.76 -12.61 7.07
CA LEU A 266 2.90 -11.66 5.96
C LEU A 266 1.53 -11.37 5.40
N VAL A 267 1.25 -10.07 5.17
CA VAL A 267 -0.09 -9.67 4.68
C VAL A 267 0.10 -9.04 3.32
N LEU A 268 -0.73 -9.47 2.38
CA LEU A 268 -0.63 -9.05 1.00
C LEU A 268 -1.97 -8.64 0.47
N GLY A 269 -1.97 -7.83 -0.57
CA GLY A 269 -3.22 -7.21 -1.01
C GLY A 269 -2.95 -6.43 -2.25
N LYS A 270 -3.80 -5.44 -2.51
CA LYS A 270 -3.69 -4.58 -3.71
C LYS A 270 -3.19 -5.31 -4.92
N GLY A 271 -1.92 -5.13 -5.29
CA GLY A 271 -1.36 -5.65 -6.56
C GLY A 271 -1.34 -7.15 -6.73
N LEU A 272 -1.53 -7.89 -5.64
CA LEU A 272 -1.68 -9.33 -5.72
C LEU A 272 -2.80 -9.70 -6.72
N GLY A 273 -3.84 -8.86 -6.76
CA GLY A 273 -5.02 -9.09 -7.59
C GLY A 273 -5.00 -8.55 -9.00
N GLY A 274 -4.03 -7.70 -9.27
CA GLY A 274 -3.87 -7.17 -10.63
C GLY A 274 -5.05 -6.36 -11.14
N GLY A 275 -5.91 -5.86 -10.25
CA GLY A 275 -7.14 -5.14 -10.61
C GLY A 275 -8.43 -5.76 -10.10
N LEU A 276 -8.29 -6.92 -9.49
CA LEU A 276 -9.38 -7.64 -8.93
C LEU A 276 -9.09 -7.68 -7.46
N PRO A 277 -10.13 -7.82 -6.64
CA PRO A 277 -9.95 -7.82 -5.18
C PRO A 277 -9.40 -9.10 -4.69
N LEU A 278 -8.17 -9.07 -4.18
CA LEU A 278 -7.56 -10.25 -3.66
C LEU A 278 -6.62 -9.95 -2.55
N SER A 279 -6.70 -10.72 -1.46
CA SER A 279 -5.69 -10.58 -0.37
C SER A 279 -5.42 -11.91 0.27
N ALA A 280 -4.31 -11.95 1.03
CA ALA A 280 -3.86 -13.16 1.63
C ALA A 280 -3.08 -12.87 2.89
N VAL A 281 -3.16 -13.83 3.81
CA VAL A 281 -2.40 -13.84 5.05
C VAL A 281 -1.62 -15.14 4.97
N ILE A 282 -0.30 -15.05 5.14
CA ILE A 282 0.53 -16.22 5.19
C ILE A 282 1.03 -16.27 6.62
N ALA A 283 0.69 -17.32 7.33
CA ALA A 283 0.91 -17.34 8.75
C ALA A 283 1.11 -18.77 9.22
N PRO A 284 1.78 -18.95 10.39
CA PRO A 284 1.91 -20.32 10.94
C PRO A 284 0.59 -21.05 11.00
N ALA A 285 0.70 -22.31 10.63
CA ALA A 285 -0.39 -23.26 10.73
C ALA A 285 -1.22 -23.16 12.00
N GLU A 286 -0.55 -23.19 13.16
CA GLU A 286 -1.28 -23.22 14.42
C GLU A 286 -2.12 -21.93 14.59
N ILE A 287 -1.73 -20.82 13.93
CA ILE A 287 -2.52 -19.56 13.95
C ILE A 287 -3.78 -19.66 13.06
N LEU A 288 -3.63 -20.18 11.86
CA LEU A 288 -4.76 -20.23 10.92
C LEU A 288 -5.62 -21.50 11.10
N ASP A 289 -5.18 -22.44 11.94
CA ASP A 289 -5.93 -23.64 12.21
C ASP A 289 -6.51 -23.67 13.61
N CYS A 290 -6.44 -22.55 14.32
CA CYS A 290 -6.92 -22.48 15.69
C CYS A 290 -8.44 -22.48 15.73
N ALA A 291 -9.10 -22.15 14.62
CA ALA A 291 -10.54 -22.31 14.53
C ALA A 291 -10.94 -22.50 13.09
N SER A 292 -12.21 -22.81 12.91
CA SER A 292 -12.82 -22.85 11.60
C SER A 292 -14.16 -22.15 11.60
N ALA A 293 -14.70 -21.88 10.39
CA ALA A 293 -15.91 -21.08 10.26
C ALA A 293 -15.86 -19.77 11.08
N PHE A 294 -14.68 -19.16 11.12
CA PHE A 294 -14.34 -18.08 12.01
C PHE A 294 -14.18 -16.71 11.31
N ALA A 295 -13.47 -16.67 10.19
CA ALA A 295 -13.23 -15.42 9.43
C ALA A 295 -13.52 -15.75 8.00
N MET A 296 -14.79 -15.59 7.62
CA MET A 296 -15.26 -16.12 6.34
C MET A 296 -16.26 -15.19 5.68
N GLN A 297 -16.07 -14.92 4.39
CA GLN A 297 -17.08 -14.29 3.53
C GLN A 297 -17.29 -15.16 2.26
N THR A 298 -18.52 -15.17 1.77
CA THR A 298 -19.00 -16.09 0.72
C THR A 298 -18.06 -16.22 -0.47
N LEU A 299 -17.52 -15.12 -0.96
CA LEU A 299 -16.74 -15.08 -2.18
C LEU A 299 -15.23 -15.11 -1.92
N HIS A 300 -14.81 -15.38 -0.66
CA HIS A 300 -13.37 -15.49 -0.38
C HIS A 300 -12.82 -16.63 -1.24
N GLY A 301 -11.71 -16.39 -1.91
CA GLY A 301 -11.05 -17.48 -2.68
C GLY A 301 -11.81 -17.92 -3.96
N ASN A 302 -12.72 -17.07 -4.44
CA ASN A 302 -13.39 -17.30 -5.74
C ASN A 302 -12.32 -17.50 -6.85
N PRO A 303 -12.54 -18.44 -7.79
CA PRO A 303 -11.53 -18.70 -8.78
C PRO A 303 -11.12 -17.55 -9.76
N VAL A 304 -12.00 -16.60 -10.08
CA VAL A 304 -11.59 -15.54 -11.00
C VAL A 304 -10.51 -14.72 -10.30
N CYS A 305 -10.79 -14.34 -9.06
CA CYS A 305 -9.80 -13.58 -8.26
C CYS A 305 -8.53 -14.41 -8.01
N ALA A 306 -8.69 -15.70 -7.70
CA ALA A 306 -7.47 -16.53 -7.53
C ALA A 306 -6.65 -16.68 -8.83
N ALA A 307 -7.32 -16.86 -9.99
CA ALA A 307 -6.61 -16.89 -11.31
C ALA A 307 -5.86 -15.60 -11.59
N ALA A 308 -6.42 -14.47 -11.18
CA ALA A 308 -5.75 -13.19 -11.38
C ALA A 308 -4.45 -13.08 -10.56
N GLY A 309 -4.56 -13.56 -9.32
CA GLY A 309 -3.40 -13.70 -8.47
C GLY A 309 -2.34 -14.62 -9.02
N LEU A 310 -2.72 -15.77 -9.57
CA LEU A 310 -1.72 -16.63 -10.18
C LEU A 310 -1.05 -15.96 -11.38
N ALA A 311 -1.83 -15.21 -12.16
CA ALA A 311 -1.33 -14.44 -13.29
C ALA A 311 -0.29 -13.38 -12.93
N VAL A 312 -0.55 -12.66 -11.83
CA VAL A 312 0.35 -11.69 -11.30
C VAL A 312 1.68 -12.33 -10.89
N LEU A 313 1.63 -13.41 -10.14
CA LEU A 313 2.85 -14.08 -9.68
C LEU A 313 3.61 -14.66 -10.86
N GLU A 314 2.88 -15.26 -11.78
CA GLU A 314 3.49 -15.80 -12.99
C GLU A 314 4.11 -14.69 -13.79
N THR A 315 3.47 -13.52 -13.87
CA THR A 315 4.06 -12.44 -14.65
C THR A 315 5.28 -11.84 -13.97
N ILE A 316 5.24 -11.79 -12.63
CA ILE A 316 6.43 -11.36 -11.89
C ILE A 316 7.64 -12.21 -12.30
N GLU A 317 7.47 -13.51 -12.42
CA GLU A 317 8.55 -14.35 -13.04
C GLU A 317 8.85 -14.07 -14.49
N ALA A 318 7.84 -14.23 -15.37
CA ALA A 318 8.06 -14.15 -16.85
C ALA A 318 8.72 -12.85 -17.32
N GLU A 319 8.28 -11.73 -16.74
CA GLU A 319 8.78 -10.45 -17.10
C GLU A 319 9.85 -9.95 -16.08
N ASN A 320 10.31 -10.78 -15.15
CA ASN A 320 11.41 -10.38 -14.26
C ASN A 320 11.18 -9.00 -13.65
N LEU A 321 10.03 -8.87 -13.00
CA LEU A 321 9.57 -7.57 -12.56
C LEU A 321 10.23 -7.12 -11.28
N THR A 322 10.78 -8.05 -10.50
CA THR A 322 11.53 -7.67 -9.29
C THR A 322 12.76 -6.84 -9.74
N THR A 323 13.53 -7.36 -10.69
CA THR A 323 14.60 -6.57 -11.31
C THR A 323 14.12 -5.33 -12.04
N ALA A 324 13.02 -5.46 -12.81
CA ALA A 324 12.49 -4.27 -13.51
C ALA A 324 12.10 -3.15 -12.51
N ALA A 325 11.47 -3.50 -11.40
CA ALA A 325 11.12 -2.46 -10.38
C ALA A 325 12.34 -1.74 -9.74
N GLU A 326 13.39 -2.51 -9.50
CA GLU A 326 14.67 -2.01 -9.02
C GLU A 326 15.25 -1.05 -10.04
N ARG A 327 15.40 -1.53 -11.27
CA ARG A 327 16.01 -0.78 -12.36
C ARG A 327 15.21 0.54 -12.64
N LYS A 328 13.90 0.42 -12.77
CA LYS A 328 13.06 1.60 -13.09
C LYS A 328 12.88 2.57 -11.90
N GLY A 329 13.00 2.03 -10.70
CA GLY A 329 12.94 2.80 -9.49
C GLY A 329 14.14 3.73 -9.39
N LYS A 330 15.30 3.14 -9.61
CA LYS A 330 16.56 3.91 -9.72
C LYS A 330 16.43 5.03 -10.72
N LEU A 331 15.90 4.69 -11.91
CA LEU A 331 15.70 5.69 -12.96
C LEU A 331 14.77 6.81 -12.46
N LEU A 332 13.65 6.39 -11.88
CA LEU A 332 12.68 7.35 -11.38
C LEU A 332 13.30 8.25 -10.31
N ARG A 333 13.90 7.64 -9.32
CA ARG A 333 14.60 8.40 -8.29
C ARG A 333 15.69 9.34 -8.82
N GLU A 334 16.42 8.98 -9.88
CA GLU A 334 17.42 9.86 -10.52
C GLU A 334 16.78 11.07 -11.22
N GLY A 335 15.69 10.85 -11.96
CA GLY A 335 14.90 11.92 -12.56
C GLY A 335 14.37 12.89 -11.50
N LEU A 336 13.90 12.33 -10.40
CA LEU A 336 13.43 13.18 -9.30
C LEU A 336 14.57 14.02 -8.68
N ALA A 337 15.76 13.44 -8.55
CA ALA A 337 16.93 14.18 -8.02
C ALA A 337 17.27 15.40 -8.92
N ARG A 338 17.08 15.22 -10.22
CA ARG A 338 17.27 16.32 -11.17
C ARG A 338 16.20 17.38 -10.98
N LEU A 339 14.97 16.93 -10.65
CA LEU A 339 13.90 17.88 -10.33
C LEU A 339 14.24 18.69 -9.09
N ALA A 340 14.92 18.08 -8.12
CA ALA A 340 15.27 18.74 -6.87
C ALA A 340 16.35 19.79 -7.10
N GLU A 341 17.16 19.61 -8.13
CA GLU A 341 18.13 20.68 -8.48
C GLU A 341 17.44 21.92 -9.00
N ARG A 342 16.25 21.77 -9.59
CA ARG A 342 15.44 22.93 -10.10
C ARG A 342 14.34 23.45 -9.18
N HIS A 343 13.74 22.64 -8.33
CA HIS A 343 12.58 23.09 -7.56
C HIS A 343 12.85 22.94 -6.07
N GLU A 344 13.10 24.07 -5.42
CA GLU A 344 13.39 24.14 -4.00
C GLU A 344 12.33 23.44 -3.11
N LEU A 345 11.07 23.40 -3.55
CA LEU A 345 9.98 22.66 -2.85
C LEU A 345 10.33 21.22 -2.53
N ILE A 346 11.17 20.58 -3.36
CA ILE A 346 11.53 19.20 -3.05
C ILE A 346 12.49 19.13 -1.85
N GLY A 347 12.01 18.66 -0.72
CA GLY A 347 12.79 18.51 0.53
C GLY A 347 13.44 17.15 0.70
N ASP A 348 12.82 16.10 0.16
CA ASP A 348 13.35 14.75 0.31
C ASP A 348 12.86 13.75 -0.75
N ILE A 349 13.69 12.78 -1.10
CA ILE A 349 13.31 11.75 -2.10
C ILE A 349 13.66 10.44 -1.45
N ARG A 350 12.73 9.51 -1.43
CA ARG A 350 12.89 8.27 -0.71
C ARG A 350 12.10 7.12 -1.30
N GLY A 351 12.36 5.90 -0.86
CA GLY A 351 11.59 4.79 -1.35
C GLY A 351 12.50 3.66 -1.71
N ARG A 352 11.92 2.61 -2.27
CA ARG A 352 12.66 1.44 -2.74
C ARG A 352 11.87 0.96 -3.94
N GLY A 353 12.58 0.50 -4.99
CA GLY A 353 11.94 0.09 -6.26
C GLY A 353 10.95 1.12 -6.78
N LEU A 354 9.74 0.68 -7.11
CA LEU A 354 8.65 1.57 -7.56
C LEU A 354 7.63 1.83 -6.42
N ALA A 355 8.15 2.02 -5.20
CA ALA A 355 7.42 2.70 -4.11
C ALA A 355 8.25 3.93 -3.76
N CYS A 356 7.89 5.07 -4.34
N CYS A 356 7.88 5.07 -4.35
CA CYS A 356 8.67 6.29 -4.22
CA CYS A 356 8.68 6.29 -4.25
C CYS A 356 7.83 7.42 -3.68
C CYS A 356 7.84 7.43 -3.70
N GLY A 357 8.46 8.24 -2.85
CA GLY A 357 7.81 9.38 -2.22
C GLY A 357 8.66 10.62 -2.38
N VAL A 358 8.00 11.74 -2.59
CA VAL A 358 8.71 12.99 -2.70
C VAL A 358 8.11 13.98 -1.73
N GLU A 359 8.90 14.40 -0.74
CA GLU A 359 8.33 15.26 0.33
C GLU A 359 8.55 16.68 0.02
N LEU A 360 7.46 17.47 0.09
CA LEU A 360 7.48 18.92 -0.29
C LEU A 360 7.41 19.84 0.90
N VAL A 361 8.31 20.83 0.90
CA VAL A 361 8.51 21.68 2.07
C VAL A 361 8.57 23.14 1.67
N ARG A 362 8.11 24.02 2.54
CA ARG A 362 8.11 25.46 2.28
C ARG A 362 9.50 26.05 2.34
N ASN A 363 10.37 25.44 3.16
CA ASN A 363 11.78 25.82 3.28
C ASN A 363 12.58 24.61 3.66
N ARG A 364 13.75 24.46 3.04
CA ARG A 364 14.52 23.23 3.18
C ARG A 364 15.21 23.12 4.54
N GLN A 365 15.48 24.26 5.18
CA GLN A 365 16.07 24.29 6.51
C GLN A 365 15.04 23.95 7.54
N SER A 366 13.93 24.68 7.54
CA SER A 366 12.82 24.45 8.49
C SER A 366 12.10 23.15 8.29
N ARG A 367 12.03 22.68 7.04
CA ARG A 367 11.23 21.48 6.65
C ARG A 367 9.74 21.65 6.84
N GLU A 368 9.28 22.91 6.93
CA GLU A 368 7.90 23.17 7.10
C GLU A 368 7.11 22.47 5.95
N PRO A 369 6.12 21.67 6.29
CA PRO A 369 5.39 21.00 5.21
C PRO A 369 4.67 22.00 4.25
N ALA A 370 4.58 21.65 2.95
CA ALA A 370 3.99 22.56 1.95
C ALA A 370 2.70 21.92 1.51
N ARG A 371 1.68 22.00 2.35
CA ARG A 371 0.44 21.25 2.11
C ARG A 371 -0.38 21.80 0.90
N ALA A 372 -0.68 23.10 0.94
CA ALA A 372 -1.39 23.77 -0.15
C ALA A 372 -0.68 23.55 -1.50
N GLU A 373 0.65 23.61 -1.49
CA GLU A 373 1.45 23.50 -2.73
C GLU A 373 1.33 22.06 -3.28
N THR A 374 1.32 21.09 -2.40
CA THR A 374 1.22 19.71 -2.82
C THR A 374 -0.13 19.45 -3.49
N ALA A 375 -1.18 20.02 -2.91
CA ALA A 375 -2.54 19.77 -3.39
C ALA A 375 -2.71 20.32 -4.80
N LYS A 376 -2.18 21.51 -5.03
CA LYS A 376 -2.21 22.12 -6.39
C LYS A 376 -1.32 21.42 -7.40
N LEU A 377 -0.17 20.99 -6.97
CA LEU A 377 0.76 20.25 -7.83
C LEU A 377 0.11 19.06 -8.53
N ILE A 378 -0.58 18.21 -7.76
CA ILE A 378 -1.22 17.05 -8.31
C ILE A 378 -2.42 17.40 -9.15
N TYR A 379 -3.08 18.50 -8.80
CA TYR A 379 -4.15 18.99 -9.63
C TYR A 379 -3.59 19.42 -11.01
N ARG A 380 -2.52 20.18 -11.00
CA ARG A 380 -1.89 20.61 -12.25
C ARG A 380 -1.33 19.41 -13.05
N ALA A 381 -0.80 18.39 -12.35
CA ALA A 381 -0.39 17.12 -13.02
C ALA A 381 -1.53 16.41 -13.74
N TYR A 382 -2.66 16.24 -13.04
CA TYR A 382 -3.86 15.74 -13.67
C TYR A 382 -4.23 16.53 -14.95
N GLU A 383 -4.27 17.87 -14.88
CA GLU A 383 -4.56 18.71 -16.08
C GLU A 383 -3.58 18.40 -17.24
N LEU A 384 -2.34 18.19 -16.87
CA LEU A 384 -1.26 17.93 -17.80
C LEU A 384 -1.24 16.49 -18.32
N GLY A 385 -2.03 15.60 -17.69
CA GLY A 385 -2.12 14.20 -18.09
C GLY A 385 -1.26 13.22 -17.35
N LEU A 386 -1.02 13.49 -16.07
CA LEU A 386 -0.30 12.62 -15.16
C LEU A 386 -1.15 12.48 -13.88
N VAL A 387 -1.49 11.25 -13.52
CA VAL A 387 -2.22 10.90 -12.28
C VAL A 387 -1.21 10.45 -11.21
N LEU A 388 -1.21 11.18 -10.08
CA LEU A 388 -0.56 10.73 -8.82
C LEU A 388 -1.24 11.51 -7.69
N TYR A 389 -1.12 10.99 -6.46
CA TYR A 389 -1.77 11.60 -5.31
C TYR A 389 -0.75 11.89 -4.22
N TYR A 390 -1.21 12.56 -3.16
CA TYR A 390 -0.35 12.75 -2.01
C TYR A 390 -0.82 11.99 -0.82
N VAL A 391 0.12 11.74 0.06
CA VAL A 391 -0.13 11.06 1.33
C VAL A 391 0.58 11.80 2.48
N GLY A 392 0.43 11.26 3.68
CA GLY A 392 1.26 11.61 4.81
C GLY A 392 0.46 12.41 5.78
N MET A 393 0.89 12.33 7.03
CA MET A 393 0.17 12.97 8.10
C MET A 393 0.20 14.48 7.92
N ASN A 394 1.09 15.05 7.08
CA ASN A 394 1.14 16.50 6.74
C ASN A 394 0.69 16.93 5.33
N GLY A 395 0.20 15.97 4.54
CA GLY A 395 -0.44 16.30 3.26
C GLY A 395 0.54 16.68 2.20
N ASN A 396 1.77 16.27 2.38
CA ASN A 396 2.84 16.87 1.65
C ASN A 396 3.84 15.87 1.07
N VAL A 397 3.47 14.61 0.93
CA VAL A 397 4.34 13.64 0.23
C VAL A 397 3.61 13.16 -1.04
N LEU A 398 4.23 13.43 -2.17
CA LEU A 398 3.79 12.89 -3.45
C LEU A 398 4.14 11.42 -3.45
N GLU A 399 3.17 10.55 -3.75
CA GLU A 399 3.40 9.12 -3.82
C GLU A 399 3.46 8.62 -5.25
N MET A 400 4.43 7.75 -5.55
CA MET A 400 4.53 7.16 -6.88
C MET A 400 4.69 5.62 -6.83
N THR A 401 3.66 4.93 -7.31
CA THR A 401 3.50 3.51 -7.23
C THR A 401 2.94 3.00 -8.56
N PRO A 402 3.64 3.28 -9.66
CA PRO A 402 3.13 2.93 -10.94
C PRO A 402 3.15 1.42 -11.16
N PRO A 403 2.42 0.94 -12.20
CA PRO A 403 2.45 -0.47 -12.57
C PRO A 403 3.90 -0.88 -12.73
N LEU A 404 4.22 -2.07 -12.27
CA LEU A 404 5.61 -2.60 -12.42
C LEU A 404 6.07 -2.80 -13.87
N THR A 405 5.10 -2.76 -14.78
CA THR A 405 5.29 -2.88 -16.25
C THR A 405 5.46 -1.53 -16.99
N MET A 406 5.37 -0.42 -16.27
CA MET A 406 5.59 0.87 -16.86
C MET A 406 6.97 0.91 -17.54
N THR A 407 7.03 1.40 -18.77
CA THR A 407 8.34 1.43 -19.54
C THR A 407 9.26 2.51 -19.05
N GLU A 408 10.54 2.38 -19.38
CA GLU A 408 11.50 3.44 -19.05
C GLU A 408 11.16 4.81 -19.69
N ASP A 409 10.63 4.79 -20.93
CA ASP A 409 10.21 6.02 -21.58
C ASP A 409 9.04 6.70 -20.87
N GLU A 410 8.07 5.91 -20.43
CA GLU A 410 6.99 6.45 -19.60
C GLU A 410 7.44 7.12 -18.31
N VAL A 411 8.42 6.51 -17.63
CA VAL A 411 9.09 7.10 -16.45
C VAL A 411 9.69 8.47 -16.76
N ARG A 412 10.50 8.52 -17.79
CA ARG A 412 11.14 9.74 -18.28
C ARG A 412 10.07 10.79 -18.54
N HIS A 413 9.00 10.40 -19.22
CA HIS A 413 7.97 11.33 -19.55
C HIS A 413 7.17 11.78 -18.32
N ALA A 414 6.94 10.86 -17.36
CA ALA A 414 6.26 11.27 -16.11
C ALA A 414 7.07 12.30 -15.38
N VAL A 415 8.40 12.16 -15.37
CA VAL A 415 9.24 13.11 -14.67
C VAL A 415 9.17 14.48 -15.31
N ASN A 416 9.09 14.50 -16.66
CA ASN A 416 8.96 15.79 -17.37
C ASN A 416 7.61 16.46 -17.12
N LEU A 417 6.53 15.66 -17.08
CA LEU A 417 5.22 16.22 -16.72
C LEU A 417 5.26 16.78 -15.28
N LEU A 418 5.94 16.05 -14.42
CA LEU A 418 6.12 16.47 -13.03
C LEU A 418 6.88 17.76 -12.92
N ASP A 419 8.00 17.83 -13.66
CA ASP A 419 8.76 19.06 -13.80
C ASP A 419 7.84 20.23 -14.16
N GLN A 420 6.95 20.04 -15.13
CA GLN A 420 6.06 21.16 -15.56
C GLN A 420 4.99 21.51 -14.52
N ALA A 421 4.46 20.49 -13.87
CA ALA A 421 3.57 20.69 -12.72
C ALA A 421 4.22 21.60 -11.62
N PHE A 422 5.48 21.32 -11.25
CA PHE A 422 6.23 22.14 -10.29
C PHE A 422 6.35 23.59 -10.78
N THR A 423 6.64 23.72 -12.05
CA THR A 423 6.79 25.03 -12.65
C THR A 423 5.45 25.80 -12.67
N GLU A 424 4.36 25.07 -12.85
CA GLU A 424 3.05 25.63 -12.99
C GLU A 424 1.98 25.38 -11.89
N LEU A 425 2.33 25.02 -10.67
CA LEU A 425 1.27 24.67 -9.73
C LEU A 425 0.40 25.82 -9.25
N SER A 426 1.07 27.05 -9.29
CA SER A 426 0.21 28.14 -8.84
C SER A 426 -0.73 28.70 -9.94
N THR A 427 -0.66 28.20 -11.16
CA THR A 427 -1.76 28.41 -12.15
C THR A 427 -3.08 27.80 -11.68
N VAL A 428 -3.02 26.86 -10.75
CA VAL A 428 -4.23 26.31 -10.19
C VAL A 428 -4.65 27.23 -9.03
N SER A 429 -5.86 27.73 -9.10
CA SER A 429 -6.44 28.53 -8.04
C SER A 429 -6.83 27.74 -6.79
N ASP A 430 -6.95 28.46 -5.69
CA ASP A 430 -7.46 27.92 -4.42
C ASP A 430 -8.91 27.41 -4.56
N THR A 431 -9.69 28.06 -5.39
CA THR A 431 -11.11 27.79 -5.44
C THR A 431 -11.31 26.44 -6.14
N LEU A 432 -10.52 26.22 -7.17
CA LEU A 432 -10.60 24.99 -7.94
C LEU A 432 -10.20 23.78 -7.07
N VAL A 433 -9.03 23.82 -6.43
CA VAL A 433 -8.54 22.70 -5.60
C VAL A 433 -9.49 22.45 -4.42
N SER A 434 -10.10 23.52 -3.88
CA SER A 434 -11.06 23.44 -2.75
C SER A 434 -12.26 22.59 -3.00
N GLN A 435 -12.64 22.42 -4.26
CA GLN A 435 -13.77 21.58 -4.65
C GLN A 435 -13.61 20.09 -4.33
N PHE A 436 -12.40 19.65 -3.99
CA PHE A 436 -12.16 18.23 -3.81
C PHE A 436 -11.76 18.04 -2.37
N ALA A 437 -12.41 17.09 -1.72
CA ALA A 437 -12.30 16.87 -0.29
C ALA A 437 -10.95 16.27 0.13
N GLY A 438 -10.32 15.51 -0.77
CA GLY A 438 -9.11 14.79 -0.47
C GLY A 438 -9.29 13.85 0.74
N TRP A 439 -8.23 13.75 1.52
CA TRP A 439 -8.29 13.01 2.76
C TRP A 439 -9.20 13.77 3.78
#